data_7BSR
#
_entry.id   7BSR
#
_cell.length_a   138.440
_cell.length_b   138.440
_cell.length_c   109.144
_cell.angle_alpha   90.000
_cell.angle_beta   90.000
_cell.angle_gamma   90.000
#
_symmetry.space_group_name_H-M   'I 4 2 2'
#
loop_
_entity.id
_entity.type
_entity.pdbx_description
1 polymer '4-hydroxymandelate oxidase'
2 non-polymer 3-PYRIDIN-4-YL-2,4-DIHYDRO-INDENO[1,2-.C.]PYRAZOLE
3 non-polymer '(2~{S})-2-oxidanyl-3-oxidanylidene-butanedioic acid'
4 water water
#
_entity_poly.entity_id   1
_entity_poly.type   'polypeptide(L)'
_entity_poly.pdbx_seq_one_letter_code
;GSHMTYVSLADLERAARDVLPGEIFDFLAGGSGTEASLVANRTALERVFVIPRMLRDLTDVTTEIDIFGRRAALPMAVAP
VAYQRLFHPEGELAVARAARDAGVPYTICTLSSVSLEEIAAVGGRPWFQLFWLRDEKRSLDLVRRAEDAGCEAIVFTVDV
PWMGRRLRDMRNGFALPEWVTAANFDAGTAAHRRTQGVSAVADHTAREFAPATWESVEAVRAHTDLPVVLKGILAVEDAR
RAVDAGAGGIVVSNHGGRQLDGAVPGIEMLGEIVAAVSGGCEVLVDGGIRSGGDVLKATALGASAVLVGRPVMWALAAAG
QDGVRQLLELLAEEVRDAMGLAGCESVGAARRLNTKLGVV
;
_entity_poly.pdbx_strand_id   A
#
# COMPACT_ATOMS: atom_id res chain seq x y z
N SER A 8 -8.22 3.04 -12.15
CA SER A 8 -9.68 3.05 -12.19
C SER A 8 -10.16 3.32 -13.60
N LEU A 9 -11.37 3.87 -13.72
CA LEU A 9 -12.06 4.11 -14.99
C LEU A 9 -11.27 3.62 -16.19
N ALA A 10 -10.87 2.35 -16.18
CA ALA A 10 -10.09 1.66 -17.22
C ALA A 10 -9.34 2.62 -18.14
N ASP A 11 -10.04 3.60 -18.71
CA ASP A 11 -9.39 4.65 -19.48
C ASP A 11 -8.11 5.09 -18.80
N LEU A 12 -8.16 5.29 -17.48
CA LEU A 12 -6.95 5.63 -16.73
C LEU A 12 -5.86 4.61 -16.99
N GLU A 13 -6.16 3.33 -16.75
CA GLU A 13 -5.18 2.30 -17.08
C GLU A 13 -4.85 2.33 -18.58
N ARG A 14 -5.89 2.43 -19.43
CA ARG A 14 -5.65 2.49 -20.86
C ARG A 14 -4.83 3.72 -21.22
N ALA A 15 -5.26 4.89 -20.75
CA ALA A 15 -4.49 6.11 -20.94
C ALA A 15 -3.02 5.89 -20.60
N ALA A 16 -2.75 5.17 -19.51
CA ALA A 16 -1.38 4.79 -19.19
C ALA A 16 -0.85 3.72 -20.15
N ARG A 17 -1.73 2.84 -20.64
CA ARG A 17 -1.30 1.86 -21.64
C ARG A 17 -0.60 2.54 -22.80
N ASP A 18 -1.15 3.66 -23.27
CA ASP A 18 -0.66 4.31 -24.48
C ASP A 18 0.57 5.17 -24.20
N VAL A 19 0.52 6.01 -23.17
CA VAL A 19 1.62 6.94 -22.93
C VAL A 19 2.89 6.19 -22.52
N LEU A 20 2.76 5.05 -21.83
CA LEU A 20 4.00 4.45 -21.32
C LEU A 20 4.60 3.47 -22.33
N PRO A 21 5.92 3.37 -22.36
CA PRO A 21 6.54 2.27 -23.11
C PRO A 21 5.96 0.93 -22.64
N GLY A 22 5.76 0.03 -23.59
CA GLY A 22 5.18 -1.26 -23.25
C GLY A 22 5.91 -1.96 -22.11
N GLU A 23 7.25 -1.83 -22.08
CA GLU A 23 8.04 -2.53 -21.08
C GLU A 23 8.03 -1.82 -19.72
N ILE A 24 7.66 -0.54 -19.68
CA ILE A 24 7.46 0.10 -18.38
C ILE A 24 6.09 -0.23 -17.84
N PHE A 25 5.06 -0.19 -18.70
CA PHE A 25 3.74 -0.65 -18.28
C PHE A 25 3.79 -2.08 -17.78
N ASP A 26 4.63 -2.92 -18.40
CA ASP A 26 4.77 -4.30 -17.94
C ASP A 26 5.44 -4.37 -16.57
N PHE A 27 6.53 -3.59 -16.39
CA PHE A 27 7.11 -3.49 -15.05
C PHE A 27 6.04 -3.18 -14.02
N LEU A 28 5.10 -2.29 -14.37
CA LEU A 28 4.08 -1.84 -13.43
C LEU A 28 3.00 -2.88 -13.22
N ALA A 29 2.49 -3.47 -14.30
CA ALA A 29 1.27 -4.25 -14.20
C ALA A 29 1.53 -5.70 -13.81
N GLY A 30 2.76 -6.18 -13.96
CA GLY A 30 3.00 -7.61 -13.92
C GLY A 30 3.16 -8.19 -12.53
N GLY A 31 3.11 -9.53 -12.50
CA GLY A 31 3.39 -10.26 -11.29
C GLY A 31 4.47 -11.29 -11.53
N SER A 32 4.64 -12.20 -10.58
CA SER A 32 5.65 -13.24 -10.70
C SER A 32 5.03 -14.50 -11.30
N GLY A 33 5.90 -15.38 -11.79
CA GLY A 33 5.43 -16.65 -12.32
C GLY A 33 4.34 -16.46 -13.35
N THR A 34 3.30 -17.29 -13.24
CA THR A 34 2.14 -17.26 -14.12
C THR A 34 1.14 -16.18 -13.74
N GLU A 35 1.49 -15.31 -12.78
CA GLU A 35 0.60 -14.23 -12.32
C GLU A 35 -0.68 -14.77 -11.72
N ALA A 36 -0.58 -15.94 -11.07
CA ALA A 36 -1.76 -16.53 -10.45
C ALA A 36 -2.21 -15.68 -9.26
N SER A 37 -1.26 -15.18 -8.47
CA SER A 37 -1.58 -14.37 -7.31
C SER A 37 -2.00 -12.96 -7.69
N LEU A 38 -1.46 -12.43 -8.78
CA LEU A 38 -1.94 -11.15 -9.30
C LEU A 38 -3.43 -11.20 -9.63
N VAL A 39 -3.83 -12.19 -10.43
CA VAL A 39 -5.24 -12.32 -10.80
C VAL A 39 -6.09 -12.67 -9.57
N ALA A 40 -5.53 -13.48 -8.66
CA ALA A 40 -6.33 -13.93 -7.52
C ALA A 40 -6.71 -12.77 -6.61
N ASN A 41 -5.86 -11.73 -6.51
CA ASN A 41 -6.24 -10.55 -5.72
C ASN A 41 -7.57 -9.96 -6.21
N ARG A 42 -7.72 -9.84 -7.53
CA ARG A 42 -8.98 -9.33 -8.06
C ARG A 42 -10.11 -10.33 -7.87
N THR A 43 -9.88 -11.61 -8.18
CA THR A 43 -10.97 -12.57 -7.99
C THR A 43 -11.43 -12.58 -6.54
N ALA A 44 -10.52 -12.40 -5.59
CA ALA A 44 -10.90 -12.46 -4.19
C ALA A 44 -11.79 -11.29 -3.80
N LEU A 45 -11.49 -10.07 -4.31
CA LEU A 45 -12.34 -8.94 -3.99
C LEU A 45 -13.70 -9.08 -4.65
N GLU A 46 -13.72 -9.55 -5.90
CA GLU A 46 -14.98 -9.68 -6.62
C GLU A 46 -15.91 -10.71 -5.98
N ARG A 47 -15.35 -11.71 -5.27
CA ARG A 47 -16.14 -12.71 -4.56
C ARG A 47 -16.83 -12.15 -3.32
N VAL A 48 -16.38 -11.03 -2.80
CA VAL A 48 -16.87 -10.49 -1.53
C VAL A 48 -18.10 -9.66 -1.81
N PHE A 49 -19.20 -9.95 -1.12
CA PHE A 49 -20.37 -9.10 -1.17
C PHE A 49 -20.60 -8.54 0.21
N VAL A 50 -21.04 -7.29 0.26
CA VAL A 50 -21.30 -6.59 1.51
C VAL A 50 -22.77 -6.72 1.84
N ILE A 51 -23.08 -6.90 3.12
CA ILE A 51 -24.48 -6.85 3.54
C ILE A 51 -24.75 -5.45 4.09
N PRO A 52 -25.38 -4.56 3.33
CA PRO A 52 -25.53 -3.18 3.81
C PRO A 52 -26.64 -3.07 4.85
N ARG A 53 -26.52 -2.02 5.67
CA ARG A 53 -27.49 -1.72 6.69
C ARG A 53 -28.27 -0.50 6.25
N MET A 54 -29.53 -0.44 6.66
CA MET A 54 -30.39 0.62 6.17
C MET A 54 -30.84 1.51 7.30
N LEU A 55 -31.26 2.73 6.93
CA LEU A 55 -32.05 3.59 7.79
C LEU A 55 -31.27 4.10 9.00
N ARG A 56 -29.95 4.14 8.92
CA ARG A 56 -29.18 4.72 10.01
C ARG A 56 -28.90 6.20 9.71
N ASP A 57 -28.62 6.95 10.76
CA ASP A 57 -28.31 8.36 10.61
C ASP A 57 -27.03 8.55 9.78
N LEU A 58 -27.14 9.26 8.67
CA LEU A 58 -25.99 9.56 7.83
C LEU A 58 -25.66 11.06 7.83
N THR A 59 -26.14 11.81 8.84
CA THR A 59 -26.03 13.26 8.77
C THR A 59 -24.59 13.72 8.73
N ASP A 60 -23.68 12.94 9.32
CA ASP A 60 -22.25 13.29 9.40
C ASP A 60 -21.40 12.10 8.95
N VAL A 61 -21.64 11.62 7.73
CA VAL A 61 -20.78 10.57 7.17
C VAL A 61 -19.37 11.10 7.02
N THR A 62 -18.40 10.40 7.59
CA THR A 62 -17.01 10.79 7.52
C THR A 62 -16.16 9.58 7.16
N THR A 63 -15.24 9.76 6.24
CA THR A 63 -14.33 8.70 5.84
C THR A 63 -13.00 8.78 6.57
N GLU A 64 -12.89 9.62 7.60
CA GLU A 64 -11.61 9.82 8.25
C GLU A 64 -11.31 8.68 9.21
N ILE A 65 -10.02 8.42 9.41
CA ILE A 65 -9.56 7.46 10.40
C ILE A 65 -8.39 8.08 11.13
N ASP A 66 -8.11 7.57 12.32
CA ASP A 66 -6.85 7.85 13.00
C ASP A 66 -5.95 6.65 12.83
N ILE A 67 -4.72 6.88 12.36
CA ILE A 67 -3.81 5.76 12.23
C ILE A 67 -2.41 6.23 12.55
N PHE A 68 -1.73 5.49 13.42
CA PHE A 68 -0.38 5.86 13.87
C PHE A 68 -0.38 7.29 14.41
N GLY A 69 -1.41 7.62 15.19
CA GLY A 69 -1.49 8.87 15.92
C GLY A 69 -1.98 10.07 15.14
N ARG A 70 -2.26 9.93 13.85
CA ARG A 70 -2.65 11.08 13.03
C ARG A 70 -3.89 10.76 12.21
N ARG A 71 -4.65 11.81 11.92
CA ARG A 71 -5.82 11.65 11.11
C ARG A 71 -5.43 11.49 9.65
N ALA A 72 -6.19 10.67 8.93
CA ALA A 72 -6.12 10.58 7.49
C ALA A 72 -7.52 10.82 6.95
N ALA A 73 -7.60 11.36 5.73
CA ALA A 73 -8.89 11.74 5.14
C ALA A 73 -9.72 10.53 4.74
N LEU A 74 -9.05 9.42 4.44
CA LEU A 74 -9.64 8.19 3.93
C LEU A 74 -8.90 7.03 4.57
N PRO A 75 -9.53 5.87 4.64
CA PRO A 75 -8.82 4.67 5.12
C PRO A 75 -7.89 4.11 4.04
N MET A 76 -6.89 4.91 3.70
CA MET A 76 -6.08 4.57 2.54
C MET A 76 -4.77 5.34 2.58
N ALA A 77 -3.71 4.69 2.08
CA ALA A 77 -2.41 5.32 1.87
C ALA A 77 -1.90 4.86 0.51
N VAL A 78 -0.98 5.66 -0.06
CA VAL A 78 -0.32 5.24 -1.30
C VAL A 78 0.69 4.15 -1.00
N ALA A 79 0.61 3.04 -1.73
CA ALA A 79 1.54 1.96 -1.52
C ALA A 79 2.94 2.37 -1.97
N PRO A 80 3.98 1.79 -1.37
CA PRO A 80 5.34 1.99 -1.90
C PRO A 80 5.47 1.35 -3.27
N VAL A 81 5.82 2.15 -4.26
CA VAL A 81 6.11 1.69 -5.61
C VAL A 81 7.42 2.34 -6.02
N ALA A 82 8.42 1.52 -6.37
CA ALA A 82 9.75 2.05 -6.62
C ALA A 82 9.82 2.81 -7.95
N TYR A 83 10.80 3.71 -8.03
CA TYR A 83 11.23 4.36 -9.28
C TYR A 83 10.06 5.02 -10.00
N GLN A 84 9.40 5.95 -9.30
CA GLN A 84 8.21 6.55 -9.86
C GLN A 84 8.51 7.49 -11.02
N ARG A 85 9.76 7.95 -11.13
CA ARG A 85 10.13 8.69 -12.35
C ARG A 85 10.06 7.81 -13.60
N LEU A 86 9.99 6.48 -13.44
CA LEU A 86 9.67 5.65 -14.60
C LEU A 86 8.35 6.05 -15.24
N PHE A 87 7.43 6.59 -14.44
CA PHE A 87 6.07 6.83 -14.95
C PHE A 87 5.79 8.29 -15.27
N HIS A 88 6.56 9.22 -14.72
CA HIS A 88 6.34 10.64 -14.97
C HIS A 88 7.58 11.38 -14.51
N PRO A 89 7.95 12.48 -15.16
CA PRO A 89 9.20 13.16 -14.79
C PRO A 89 9.20 13.73 -13.38
N GLU A 90 8.05 14.13 -12.85
CA GLU A 90 8.02 14.57 -11.46
C GLU A 90 7.97 13.41 -10.48
N GLY A 91 7.67 12.20 -10.95
CA GLY A 91 7.73 11.01 -10.12
C GLY A 91 7.21 11.17 -8.71
N GLU A 92 7.99 10.75 -7.71
CA GLU A 92 7.50 10.71 -6.34
C GLU A 92 7.02 12.07 -5.85
N LEU A 93 7.61 13.17 -6.36
CA LEU A 93 7.19 14.48 -5.87
C LEU A 93 5.76 14.79 -6.30
N ALA A 94 5.40 14.43 -7.53
CA ALA A 94 4.03 14.60 -7.97
C ALA A 94 3.08 13.83 -7.07
N VAL A 95 3.37 12.55 -6.83
CA VAL A 95 2.44 11.73 -6.07
C VAL A 95 2.32 12.24 -4.64
N ALA A 96 3.47 12.54 -4.02
CA ALA A 96 3.47 12.98 -2.63
C ALA A 96 2.71 14.28 -2.45
N ARG A 97 2.85 15.21 -3.39
CA ARG A 97 2.10 16.46 -3.29
C ARG A 97 0.60 16.18 -3.32
N ALA A 98 0.13 15.36 -4.26
CA ALA A 98 -1.30 15.08 -4.36
C ALA A 98 -1.80 14.34 -3.13
N ALA A 99 -1.01 13.38 -2.64
CA ALA A 99 -1.37 12.66 -1.42
C ALA A 99 -1.52 13.63 -0.26
N ARG A 100 -0.52 14.49 -0.03
CA ARG A 100 -0.62 15.49 1.02
C ARG A 100 -1.91 16.30 0.89
N ASP A 101 -2.21 16.77 -0.32
CA ASP A 101 -3.38 17.63 -0.50
C ASP A 101 -4.66 16.87 -0.26
N ALA A 102 -4.67 15.56 -0.53
CA ALA A 102 -5.85 14.72 -0.32
C ALA A 102 -5.96 14.20 1.12
N GLY A 103 -4.99 14.50 1.96
CA GLY A 103 -5.01 14.03 3.34
C GLY A 103 -4.72 12.54 3.45
N VAL A 104 -3.97 11.99 2.52
CA VAL A 104 -3.69 10.55 2.45
C VAL A 104 -2.20 10.35 2.72
N PRO A 105 -1.82 9.39 3.57
CA PRO A 105 -0.39 9.12 3.76
C PRO A 105 0.24 8.63 2.47
N TYR A 106 1.52 8.96 2.31
CA TYR A 106 2.32 8.56 1.16
C TYR A 106 3.53 7.77 1.65
N THR A 107 3.75 6.59 1.08
CA THR A 107 4.86 5.72 1.50
C THR A 107 6.07 5.95 0.59
N ILE A 108 7.08 6.62 1.13
CA ILE A 108 8.34 6.80 0.39
C ILE A 108 9.05 5.46 0.30
N CYS A 109 9.50 5.09 -0.90
CA CYS A 109 10.24 3.86 -1.11
C CYS A 109 11.72 4.00 -0.81
N THR A 110 12.29 2.91 -0.28
CA THR A 110 13.74 2.77 -0.25
C THR A 110 14.35 3.01 -1.63
N LEU A 111 13.71 2.49 -2.66
CA LEU A 111 14.18 2.67 -4.04
C LEU A 111 13.45 3.82 -4.74
N SER A 112 13.25 4.93 -4.05
CA SER A 112 12.62 6.07 -4.70
C SER A 112 13.61 6.71 -5.66
N SER A 113 13.08 7.24 -6.76
CA SER A 113 13.91 7.94 -7.74
C SER A 113 14.06 9.41 -7.40
N VAL A 114 13.61 9.82 -6.22
CA VAL A 114 13.91 11.12 -5.61
C VAL A 114 14.21 10.86 -4.15
N SER A 115 15.21 11.55 -3.61
CA SER A 115 15.64 11.30 -2.25
C SER A 115 14.48 11.41 -1.25
N LEU A 116 14.55 10.61 -0.19
CA LEU A 116 13.47 10.60 0.81
C LEU A 116 13.37 11.93 1.55
N GLU A 117 14.50 12.62 1.76
CA GLU A 117 14.43 13.94 2.37
C GLU A 117 13.60 14.90 1.52
N GLU A 118 13.77 14.83 0.19
CA GLU A 118 13.03 15.72 -0.70
C GLU A 118 11.54 15.41 -0.70
N ILE A 119 11.19 14.14 -0.87
CA ILE A 119 9.78 13.76 -0.81
C ILE A 119 9.18 14.19 0.52
N ALA A 120 9.90 13.99 1.63
CA ALA A 120 9.33 14.33 2.93
C ALA A 120 9.14 15.83 3.11
N ALA A 121 9.99 16.64 2.45
CA ALA A 121 9.84 18.09 2.53
C ALA A 121 8.52 18.53 1.93
N VAL A 122 7.98 17.76 0.99
CA VAL A 122 6.65 18.04 0.47
C VAL A 122 5.65 18.21 1.60
N GLY A 123 5.89 17.59 2.74
CA GLY A 123 4.95 17.64 3.86
C GLY A 123 3.98 16.48 3.85
N GLY A 124 2.78 16.72 4.38
CA GLY A 124 1.78 15.66 4.43
C GLY A 124 2.12 14.62 5.49
N ARG A 125 1.80 13.37 5.20
CA ARG A 125 1.99 12.27 6.13
C ARG A 125 2.89 11.24 5.44
N PRO A 126 4.19 11.47 5.41
CA PRO A 126 5.08 10.53 4.74
C PRO A 126 5.39 9.36 5.66
N TRP A 127 5.22 8.16 5.14
CA TRP A 127 5.78 6.95 5.70
C TRP A 127 6.98 6.56 4.87
N PHE A 128 7.83 5.72 5.44
CA PHE A 128 9.02 5.25 4.75
C PHE A 128 9.04 3.73 4.71
N GLN A 129 9.11 3.18 3.49
CA GLN A 129 9.25 1.74 3.29
C GLN A 129 10.72 1.36 3.26
N LEU A 130 11.07 0.35 4.04
CA LEU A 130 12.44 -0.11 4.21
C LEU A 130 12.63 -1.48 3.57
N PHE A 131 13.61 -1.58 2.67
CA PHE A 131 14.23 -2.85 2.33
C PHE A 131 15.44 -3.05 3.21
N TRP A 132 15.58 -4.26 3.75
CA TRP A 132 16.73 -4.58 4.57
C TRP A 132 17.96 -4.66 3.68
N LEU A 133 19.03 -3.98 4.09
CA LEU A 133 20.27 -4.00 3.33
C LEU A 133 21.20 -5.04 3.91
N ARG A 134 22.06 -5.60 3.05
CA ARG A 134 23.07 -6.54 3.52
C ARG A 134 23.82 -6.00 4.73
N ASP A 135 23.97 -4.68 4.83
CA ASP A 135 24.66 -4.06 5.95
C ASP A 135 23.61 -3.52 6.91
N GLU A 136 23.55 -4.11 8.11
CA GLU A 136 22.56 -3.69 9.10
C GLU A 136 22.69 -2.23 9.46
N LYS A 137 23.91 -1.69 9.40
CA LYS A 137 24.10 -0.29 9.74
C LYS A 137 23.61 0.64 8.64
N ARG A 138 23.72 0.23 7.38
CA ARG A 138 23.05 0.99 6.32
C ARG A 138 21.54 0.96 6.52
N SER A 139 20.98 -0.20 6.88
CA SER A 139 19.54 -0.30 7.09
C SER A 139 19.09 0.68 8.15
N LEU A 140 19.74 0.66 9.32
CA LEU A 140 19.30 1.48 10.43
C LEU A 140 19.59 2.94 10.19
N ASP A 141 20.58 3.26 9.36
CA ASP A 141 20.82 4.67 9.03
C ASP A 141 19.73 5.18 8.11
N LEU A 142 19.26 4.35 7.18
CA LEU A 142 18.09 4.68 6.39
C LEU A 142 16.89 4.94 7.30
N VAL A 143 16.68 4.07 8.29
CA VAL A 143 15.59 4.30 9.24
C VAL A 143 15.79 5.64 9.94
N ARG A 144 17.02 5.91 10.39
CA ARG A 144 17.26 7.19 11.05
C ARG A 144 17.00 8.37 10.11
N ARG A 145 17.50 8.29 8.87
CA ARG A 145 17.22 9.36 7.92
C ARG A 145 15.72 9.61 7.84
N ALA A 146 14.95 8.55 7.57
CA ALA A 146 13.52 8.69 7.47
C ALA A 146 12.94 9.37 8.71
N GLU A 147 13.39 8.98 9.89
CA GLU A 147 12.81 9.57 11.10
C GLU A 147 13.24 11.03 11.23
N ASP A 148 14.54 11.30 11.04
CA ASP A 148 15.03 12.67 11.07
C ASP A 148 14.24 13.56 10.10
N ALA A 149 13.92 13.02 8.92
CA ALA A 149 13.18 13.73 7.88
C ALA A 149 11.70 13.90 8.19
N GLY A 150 11.20 13.41 9.33
CA GLY A 150 9.82 13.56 9.69
C GLY A 150 8.88 12.47 9.20
N CYS A 151 9.39 11.34 8.74
CA CYS A 151 8.49 10.24 8.39
C CYS A 151 7.81 9.74 9.66
N GLU A 152 6.57 9.28 9.52
CA GLU A 152 5.77 8.93 10.68
C GLU A 152 5.69 7.44 10.98
N ALA A 153 6.14 6.60 10.04
CA ALA A 153 6.07 5.15 10.24
C ALA A 153 7.11 4.51 9.36
N ILE A 154 7.68 3.40 9.83
CA ILE A 154 8.59 2.61 9.02
C ILE A 154 7.79 1.42 8.51
N VAL A 155 7.62 1.33 7.19
CA VAL A 155 6.93 0.21 6.57
C VAL A 155 8.03 -0.77 6.15
N PHE A 156 8.27 -1.74 7.01
CA PHE A 156 9.33 -2.72 6.80
C PHE A 156 8.78 -3.82 5.89
N THR A 157 9.28 -3.89 4.66
CA THR A 157 8.84 -4.91 3.74
C THR A 157 9.47 -6.25 4.12
N VAL A 158 8.65 -7.25 4.41
CA VAL A 158 9.13 -8.49 4.99
C VAL A 158 8.92 -9.68 4.07
N ASP A 159 8.37 -9.46 2.87
CA ASP A 159 8.11 -10.55 1.94
C ASP A 159 9.07 -10.53 0.76
N VAL A 160 10.18 -9.84 0.90
CA VAL A 160 11.17 -9.79 -0.17
C VAL A 160 12.53 -10.14 0.42
N PRO A 161 12.75 -11.41 0.81
CA PRO A 161 14.12 -11.85 1.04
C PRO A 161 14.96 -11.67 -0.21
N TRP A 162 14.33 -11.84 -1.37
CA TRP A 162 14.84 -11.47 -2.67
C TRP A 162 13.61 -11.22 -3.53
N MET A 163 13.81 -10.61 -4.70
CA MET A 163 12.69 -10.25 -5.56
C MET A 163 12.15 -11.48 -6.28
N GLY A 164 10.83 -11.58 -6.39
CA GLY A 164 10.23 -12.64 -7.15
C GLY A 164 10.61 -12.57 -8.62
N ARG A 165 10.41 -13.69 -9.31
CA ARG A 165 10.79 -13.83 -10.71
C ARG A 165 9.66 -13.28 -11.60
N ARG A 166 9.91 -12.13 -12.22
CA ARG A 166 8.93 -11.44 -13.04
C ARG A 166 9.15 -11.82 -14.50
N LEU A 167 8.29 -12.69 -15.03
CA LEU A 167 8.50 -13.19 -16.38
C LEU A 167 8.32 -12.11 -17.44
N ARG A 168 7.44 -11.14 -17.19
CA ARG A 168 7.33 -9.99 -18.09
C ARG A 168 8.68 -9.27 -18.20
N ASP A 169 9.31 -8.98 -17.05
CA ASP A 169 10.59 -8.27 -17.08
C ASP A 169 11.69 -9.11 -17.72
N MET A 170 11.65 -10.43 -17.52
CA MET A 170 12.65 -11.31 -18.14
C MET A 170 12.45 -11.39 -19.65
N ARG A 171 11.19 -11.53 -20.10
CA ARG A 171 10.91 -11.56 -21.54
C ARG A 171 11.18 -10.22 -22.20
N ASN A 172 10.93 -9.11 -21.49
CA ASN A 172 11.20 -7.77 -22.00
C ASN A 172 12.69 -7.40 -21.96
N GLY A 173 13.53 -8.22 -21.32
CA GLY A 173 14.91 -7.83 -21.11
C GLY A 173 14.99 -6.45 -20.49
N PHE A 174 14.01 -6.14 -19.65
CA PHE A 174 13.82 -4.80 -19.11
C PHE A 174 14.86 -4.46 -18.06
N ALA A 175 15.34 -3.22 -18.09
CA ALA A 175 16.33 -2.75 -17.12
C ALA A 175 16.09 -1.27 -16.87
N LEU A 176 16.49 -0.82 -15.67
CA LEU A 176 16.30 0.56 -15.27
C LEU A 176 16.94 1.51 -16.28
N PRO A 177 16.13 2.28 -17.03
CA PRO A 177 16.70 3.30 -17.91
C PRO A 177 17.77 4.13 -17.22
N GLU A 178 18.66 4.73 -18.01
CA GLU A 178 19.82 5.42 -17.45
C GLU A 178 19.43 6.61 -16.59
N TRP A 179 18.34 7.31 -16.96
CA TRP A 179 17.94 8.53 -16.28
C TRP A 179 17.18 8.29 -14.97
N VAL A 180 16.93 7.05 -14.59
CA VAL A 180 16.23 6.73 -13.35
C VAL A 180 17.23 6.12 -12.37
N THR A 181 17.40 6.79 -11.24
CA THR A 181 18.38 6.44 -10.22
C THR A 181 17.69 6.05 -8.93
N ALA A 182 18.43 5.37 -8.05
CA ALA A 182 18.00 5.09 -6.67
C ALA A 182 18.52 6.23 -5.79
N ALA A 183 17.72 7.30 -5.70
CA ALA A 183 18.18 8.56 -5.13
C ALA A 183 18.57 8.45 -3.67
N ASN A 184 18.14 7.42 -2.95
CA ASN A 184 18.54 7.35 -1.56
C ASN A 184 19.95 6.81 -1.37
N PHE A 185 20.59 6.34 -2.44
CA PHE A 185 21.91 5.76 -2.39
C PHE A 185 22.88 6.54 -3.28
N ASP A 186 24.12 6.68 -2.81
CA ASP A 186 25.15 7.41 -3.53
C ASP A 186 26.54 6.87 -3.21
N PHE A 209 21.42 -5.51 -0.60
CA PHE A 209 20.19 -6.00 0.03
C PHE A 209 20.39 -7.40 0.60
N ALA A 210 19.58 -7.75 1.59
CA ALA A 210 19.68 -9.03 2.29
C ALA A 210 18.32 -9.40 2.86
N PRO A 211 18.06 -10.70 3.07
CA PRO A 211 16.78 -11.12 3.65
C PRO A 211 16.59 -10.58 5.06
N ALA A 212 15.43 -9.99 5.31
CA ALA A 212 15.14 -9.59 6.68
C ALA A 212 14.62 -10.78 7.48
N THR A 213 14.97 -10.81 8.76
CA THR A 213 14.46 -11.80 9.70
C THR A 213 13.76 -11.11 10.86
N TRP A 214 13.22 -11.91 11.79
CA TRP A 214 12.67 -11.33 13.00
C TRP A 214 13.73 -10.57 13.78
N GLU A 215 14.99 -10.99 13.70
CA GLU A 215 16.03 -10.22 14.38
CA GLU A 215 16.05 -10.23 14.36
C GLU A 215 16.16 -8.83 13.75
N SER A 216 16.04 -8.73 12.43
CA SER A 216 16.06 -7.43 11.77
C SER A 216 14.91 -6.56 12.25
N VAL A 217 13.72 -7.14 12.34
CA VAL A 217 12.58 -6.41 12.88
C VAL A 217 12.88 -5.87 14.26
N GLU A 218 13.51 -6.69 15.12
CA GLU A 218 13.83 -6.19 16.45
C GLU A 218 14.83 -5.04 16.38
N ALA A 219 15.82 -5.16 15.50
CA ALA A 219 16.82 -4.10 15.36
C ALA A 219 16.17 -2.77 14.98
N VAL A 220 15.24 -2.81 14.03
CA VAL A 220 14.52 -1.60 13.64
C VAL A 220 13.69 -1.08 14.81
N ARG A 221 12.91 -1.97 15.43
CA ARG A 221 12.04 -1.54 16.52
C ARG A 221 12.83 -0.86 17.62
N ALA A 222 14.01 -1.39 17.95
CA ALA A 222 14.82 -0.77 19.00
C ALA A 222 15.49 0.52 18.55
N HIS A 223 15.58 0.74 17.25
CA HIS A 223 16.29 1.89 16.71
C HIS A 223 15.41 3.12 16.56
N THR A 224 14.09 2.97 16.67
CA THR A 224 13.19 4.06 16.36
C THR A 224 12.01 4.03 17.32
N ASP A 225 11.48 5.21 17.61
CA ASP A 225 10.20 5.29 18.28
C ASP A 225 9.03 5.31 17.29
N LEU A 226 9.29 5.38 15.99
CA LEU A 226 8.19 5.36 15.03
C LEU A 226 7.53 3.98 15.01
N PRO A 227 6.22 3.92 14.76
CA PRO A 227 5.57 2.62 14.56
C PRO A 227 6.22 1.88 13.40
N VAL A 228 6.47 0.60 13.62
CA VAL A 228 7.00 -0.28 12.60
C VAL A 228 5.86 -1.13 12.05
N VAL A 229 5.70 -1.12 10.74
CA VAL A 229 4.59 -1.77 10.06
C VAL A 229 5.17 -2.84 9.16
N LEU A 230 4.85 -4.10 9.43
CA LEU A 230 5.39 -5.19 8.63
C LEU A 230 4.52 -5.42 7.41
N LYS A 231 5.09 -5.20 6.23
CA LYS A 231 4.36 -5.28 4.97
C LYS A 231 4.68 -6.60 4.28
N GLY A 232 3.62 -7.36 3.98
CA GLY A 232 3.79 -8.66 3.36
C GLY A 232 3.51 -9.85 4.28
N ILE A 233 2.63 -9.67 5.27
CA ILE A 233 2.25 -10.75 6.18
C ILE A 233 1.05 -11.47 5.58
N LEU A 234 1.10 -12.81 5.54
CA LEU A 234 -0.02 -13.58 5.02
C LEU A 234 -0.47 -14.69 5.98
N ALA A 235 0.46 -15.19 6.80
CA ALA A 235 0.14 -16.26 7.75
C ALA A 235 -0.37 -15.70 9.08
N VAL A 236 -1.40 -16.35 9.62
CA VAL A 236 -1.97 -15.91 10.89
C VAL A 236 -0.91 -15.89 11.97
N GLU A 237 -0.07 -16.92 12.04
CA GLU A 237 0.90 -16.91 13.12
C GLU A 237 1.96 -15.82 12.92
N ASP A 238 2.24 -15.45 11.68
CA ASP A 238 3.14 -14.32 11.45
C ASP A 238 2.51 -13.01 11.91
N ALA A 239 1.21 -12.84 11.69
CA ALA A 239 0.51 -11.66 12.20
C ALA A 239 0.57 -11.60 13.72
N ARG A 240 0.33 -12.73 14.38
CA ARG A 240 0.42 -12.79 15.84
C ARG A 240 1.82 -12.44 16.30
N ARG A 241 2.81 -13.08 15.67
CA ARG A 241 4.19 -12.81 16.03
C ARG A 241 4.55 -11.36 15.78
N ALA A 242 4.00 -10.76 14.72
CA ALA A 242 4.27 -9.35 14.48
C ALA A 242 3.83 -8.50 15.66
N VAL A 243 2.66 -8.81 16.23
CA VAL A 243 2.20 -8.05 17.39
C VAL A 243 3.13 -8.32 18.59
N ASP A 244 3.46 -9.59 18.81
CA ASP A 244 4.41 -9.95 19.86
C ASP A 244 5.73 -9.21 19.71
N ALA A 245 6.19 -9.05 18.48
CA ALA A 245 7.45 -8.37 18.19
C ALA A 245 7.38 -6.86 18.33
N GLY A 246 6.23 -6.30 18.69
CA GLY A 246 6.12 -4.86 18.87
C GLY A 246 5.76 -4.07 17.63
N ALA A 247 5.35 -4.73 16.54
CA ALA A 247 4.90 -3.99 15.37
C ALA A 247 3.69 -3.13 15.72
N GLY A 248 3.66 -1.92 15.16
CA GLY A 248 2.47 -1.10 15.28
C GLY A 248 1.42 -1.40 14.24
N GLY A 249 1.78 -2.15 13.21
CA GLY A 249 0.80 -2.52 12.21
C GLY A 249 1.37 -3.59 11.31
N ILE A 250 0.50 -4.19 10.51
CA ILE A 250 0.93 -5.09 9.47
C ILE A 250 0.17 -4.74 8.20
N VAL A 251 0.73 -5.08 7.06
CA VAL A 251 0.02 -4.99 5.79
C VAL A 251 -0.14 -6.41 5.30
N VAL A 252 -1.39 -6.85 5.26
CA VAL A 252 -1.69 -8.20 4.79
C VAL A 252 -1.69 -8.16 3.28
N SER A 253 -0.76 -8.88 2.68
CA SER A 253 -0.37 -8.52 1.32
C SER A 253 0.45 -9.64 0.71
N ASN A 254 0.18 -9.98 -0.56
CA ASN A 254 1.10 -10.83 -1.29
C ASN A 254 1.92 -10.02 -2.27
N HIS A 255 2.12 -8.74 -1.97
CA HIS A 255 3.00 -7.90 -2.76
C HIS A 255 2.45 -7.69 -4.16
N GLY A 256 1.12 -7.57 -4.27
CA GLY A 256 0.52 -7.40 -5.59
C GLY A 256 0.75 -8.55 -6.55
N GLY A 257 0.92 -9.76 -6.02
CA GLY A 257 1.19 -10.91 -6.86
C GLY A 257 2.56 -10.89 -7.50
N ARG A 258 3.47 -10.12 -6.94
CA ARG A 258 4.80 -9.91 -7.52
C ARG A 258 5.89 -10.74 -6.84
N GLN A 259 5.57 -11.43 -5.75
CA GLN A 259 6.57 -12.19 -5.03
C GLN A 259 6.32 -13.68 -5.20
N LEU A 260 5.83 -14.39 -4.19
CA LEU A 260 5.55 -15.81 -4.41
C LEU A 260 4.34 -15.96 -5.31
N ASP A 261 4.52 -16.59 -6.46
CA ASP A 261 3.38 -16.89 -7.33
C ASP A 261 2.65 -18.10 -6.76
N GLY A 262 1.36 -17.94 -6.50
CA GLY A 262 0.60 -18.94 -5.75
C GLY A 262 0.43 -18.60 -4.29
N ALA A 263 1.02 -17.50 -3.83
CA ALA A 263 0.70 -16.98 -2.51
C ALA A 263 -0.77 -16.58 -2.45
N VAL A 264 -1.44 -17.00 -1.39
CA VAL A 264 -2.82 -16.60 -1.12
C VAL A 264 -2.97 -15.08 -1.17
N PRO A 265 -4.09 -14.54 -1.67
CA PRO A 265 -4.31 -13.08 -1.58
C PRO A 265 -4.48 -12.64 -0.15
N GLY A 266 -3.96 -11.45 0.16
CA GLY A 266 -4.16 -10.89 1.48
C GLY A 266 -5.62 -10.81 1.86
N ILE A 267 -6.47 -10.42 0.92
CA ILE A 267 -7.90 -10.28 1.19
C ILE A 267 -8.48 -11.61 1.68
N GLU A 268 -7.95 -12.73 1.17
CA GLU A 268 -8.45 -14.01 1.64
C GLU A 268 -7.97 -14.37 3.05
N MET A 269 -6.87 -13.76 3.54
CA MET A 269 -6.41 -14.01 4.90
C MET A 269 -6.83 -12.95 5.90
N LEU A 270 -7.43 -11.85 5.42
CA LEU A 270 -7.61 -10.67 6.25
C LEU A 270 -8.48 -10.94 7.47
N GLY A 271 -9.65 -11.54 7.26
CA GLY A 271 -10.57 -11.74 8.36
C GLY A 271 -9.97 -12.57 9.47
N GLU A 272 -9.33 -13.69 9.10
CA GLU A 272 -8.65 -14.53 10.07
C GLU A 272 -7.57 -13.78 10.82
N ILE A 273 -6.78 -12.99 10.08
CA ILE A 273 -5.69 -12.25 10.70
C ILE A 273 -6.26 -11.19 11.63
N VAL A 274 -7.34 -10.51 11.21
CA VAL A 274 -7.93 -9.50 12.08
C VAL A 274 -8.37 -10.12 13.38
N ALA A 275 -9.01 -11.29 13.31
CA ALA A 275 -9.46 -11.95 14.53
C ALA A 275 -8.29 -12.34 15.41
N ALA A 276 -7.21 -12.86 14.83
CA ALA A 276 -6.06 -13.32 15.64
C ALA A 276 -5.32 -12.17 16.31
N VAL A 277 -5.26 -11.02 15.65
CA VAL A 277 -4.56 -9.85 16.17
C VAL A 277 -5.35 -9.23 17.31
N SER A 278 -6.67 -9.37 17.27
CA SER A 278 -7.57 -8.86 18.31
C SER A 278 -7.20 -7.44 18.73
N GLY A 279 -7.11 -6.56 17.75
CA GLY A 279 -6.84 -5.16 18.04
C GLY A 279 -5.42 -4.84 18.45
N GLY A 280 -4.49 -5.80 18.35
CA GLY A 280 -3.16 -5.59 18.88
C GLY A 280 -2.27 -4.71 18.02
N CYS A 281 -2.62 -4.54 16.75
CA CYS A 281 -1.94 -3.58 15.88
C CYS A 281 -2.92 -3.22 14.79
N GLU A 282 -2.58 -2.19 14.03
CA GLU A 282 -3.33 -1.87 12.81
C GLU A 282 -3.14 -2.98 11.80
N VAL A 283 -4.20 -3.32 11.09
CA VAL A 283 -4.12 -4.35 10.05
C VAL A 283 -4.56 -3.70 8.75
N LEU A 284 -3.59 -3.42 7.89
CA LEU A 284 -3.86 -2.94 6.55
C LEU A 284 -3.87 -4.11 5.60
N VAL A 285 -4.44 -3.88 4.43
CA VAL A 285 -4.47 -4.87 3.37
C VAL A 285 -4.20 -4.13 2.08
N ASP A 286 -3.59 -4.81 1.12
CA ASP A 286 -3.55 -4.26 -0.22
C ASP A 286 -3.68 -5.40 -1.23
N GLY A 287 -3.67 -5.03 -2.49
CA GLY A 287 -3.79 -5.99 -3.57
C GLY A 287 -5.11 -5.85 -4.29
N GLY A 288 -5.10 -5.16 -5.43
CA GLY A 288 -6.28 -5.09 -6.27
C GLY A 288 -7.36 -4.12 -5.85
N ILE A 289 -7.07 -3.22 -4.92
CA ILE A 289 -8.07 -2.21 -4.56
C ILE A 289 -8.24 -1.29 -5.74
N ARG A 290 -9.45 -1.27 -6.32
CA ARG A 290 -9.69 -0.53 -7.56
C ARG A 290 -10.85 0.44 -7.48
N SER A 291 -11.47 0.60 -6.31
CA SER A 291 -12.65 1.45 -6.20
C SER A 291 -12.92 1.71 -4.73
N GLY A 292 -13.80 2.67 -4.47
CA GLY A 292 -14.28 2.87 -3.12
C GLY A 292 -15.05 1.68 -2.61
N GLY A 293 -15.79 0.99 -3.48
CA GLY A 293 -16.45 -0.23 -3.05
C GLY A 293 -15.46 -1.29 -2.58
N ASP A 294 -14.29 -1.36 -3.21
CA ASP A 294 -13.27 -2.30 -2.76
C ASP A 294 -12.73 -1.89 -1.41
N VAL A 295 -12.53 -0.58 -1.20
CA VAL A 295 -12.15 -0.10 0.12
C VAL A 295 -13.18 -0.53 1.15
N LEU A 296 -14.47 -0.39 0.82
CA LEU A 296 -15.52 -0.77 1.77
C LEU A 296 -15.42 -2.26 2.09
N LYS A 297 -15.22 -3.09 1.06
CA LYS A 297 -15.08 -4.53 1.27
C LYS A 297 -13.92 -4.84 2.19
N ALA A 298 -12.75 -4.25 1.92
CA ALA A 298 -11.60 -4.44 2.79
C ALA A 298 -11.93 -4.04 4.23
N THR A 299 -12.57 -2.88 4.42
CA THR A 299 -12.86 -2.47 5.78
C THR A 299 -13.91 -3.37 6.44
N ALA A 300 -14.91 -3.85 5.67
CA ALA A 300 -15.90 -4.79 6.21
C ALA A 300 -15.26 -6.11 6.62
N LEU A 301 -14.19 -6.53 5.93
CA LEU A 301 -13.42 -7.71 6.33
C LEU A 301 -12.54 -7.44 7.56
N GLY A 302 -12.46 -6.19 8.00
CA GLY A 302 -11.76 -5.84 9.21
C GLY A 302 -10.53 -4.96 9.03
N ALA A 303 -10.16 -4.58 7.80
CA ALA A 303 -8.95 -3.80 7.61
C ALA A 303 -9.09 -2.40 8.23
N SER A 304 -7.97 -1.90 8.76
CA SER A 304 -7.91 -0.53 9.26
C SER A 304 -7.88 0.47 8.11
N ALA A 305 -7.19 0.09 7.02
CA ALA A 305 -6.93 0.93 5.87
C ALA A 305 -6.40 0.01 4.77
N VAL A 306 -6.43 0.52 3.56
CA VAL A 306 -5.84 -0.21 2.44
C VAL A 306 -4.66 0.60 1.94
N LEU A 307 -3.80 -0.07 1.20
CA LEU A 307 -2.84 0.60 0.32
C LEU A 307 -3.31 0.44 -1.11
N VAL A 308 -3.07 1.48 -1.91
CA VAL A 308 -3.36 1.45 -3.33
C VAL A 308 -2.04 1.68 -4.07
N GLY A 309 -1.71 0.77 -4.96
CA GLY A 309 -0.45 0.84 -5.68
C GLY A 309 -0.62 1.20 -7.14
N ARG A 310 -0.83 0.22 -8.00
CA ARG A 310 -0.82 0.47 -9.43
C ARG A 310 -1.73 1.61 -9.85
N PRO A 311 -2.97 1.72 -9.36
CA PRO A 311 -3.84 2.82 -9.82
C PRO A 311 -3.25 4.19 -9.62
N VAL A 312 -2.52 4.43 -8.52
CA VAL A 312 -1.90 5.74 -8.31
C VAL A 312 -0.88 6.01 -9.39
N MET A 313 -0.15 4.97 -9.82
CA MET A 313 0.83 5.14 -10.88
C MET A 313 0.17 5.34 -12.25
N TRP A 314 -0.96 4.67 -12.50
CA TRP A 314 -1.71 5.00 -13.71
C TRP A 314 -2.03 6.48 -13.75
N ALA A 315 -2.65 7.00 -12.69
CA ALA A 315 -2.99 8.42 -12.65
C ALA A 315 -1.75 9.29 -12.85
N LEU A 316 -0.60 8.85 -12.32
CA LEU A 316 0.62 9.65 -12.38
C LEU A 316 0.99 9.99 -13.82
N ALA A 317 0.54 9.20 -14.78
CA ALA A 317 0.61 9.60 -16.19
C ALA A 317 -0.60 10.44 -16.57
N ALA A 318 -0.71 11.60 -15.91
CA ALA A 318 -1.89 12.44 -16.14
C ALA A 318 -1.83 13.81 -15.49
N ALA A 319 -0.96 14.03 -14.50
CA ALA A 319 -0.77 15.37 -13.93
C ALA A 319 -0.54 15.36 -12.43
N GLY A 320 0.50 14.65 -11.98
CA GLY A 320 0.96 14.74 -10.61
C GLY A 320 0.01 15.47 -9.70
N GLN A 321 0.49 16.51 -9.03
CA GLN A 321 -0.34 17.29 -8.12
C GLN A 321 -1.80 17.43 -8.61
N ASP A 322 -2.14 16.90 -9.86
CA ASP A 322 -3.51 16.96 -10.38
C ASP A 322 -4.07 15.65 -10.93
N GLY A 323 -3.26 14.84 -11.64
CA GLY A 323 -3.76 13.54 -12.07
C GLY A 323 -3.94 12.58 -10.90
N VAL A 324 -2.92 12.45 -10.06
CA VAL A 324 -3.10 11.70 -8.81
C VAL A 324 -4.17 12.34 -7.94
N ARG A 325 -4.21 13.68 -7.89
CA ARG A 325 -5.22 14.32 -7.07
C ARG A 325 -6.62 13.98 -7.53
N GLN A 326 -6.82 13.82 -8.84
CA GLN A 326 -8.15 13.45 -9.33
C GLN A 326 -8.50 12.03 -8.94
N LEU A 327 -7.55 11.11 -9.09
CA LEU A 327 -7.76 9.75 -8.60
C LEU A 327 -8.19 9.76 -7.14
N LEU A 328 -7.43 10.44 -6.30
CA LEU A 328 -7.74 10.43 -4.88
C LEU A 328 -9.10 11.09 -4.60
N GLU A 329 -9.46 12.12 -5.35
CA GLU A 329 -10.78 12.72 -5.12
C GLU A 329 -11.89 11.76 -5.52
N LEU A 330 -11.73 11.08 -6.66
CA LEU A 330 -12.72 10.11 -7.10
C LEU A 330 -12.81 8.92 -6.15
N LEU A 331 -11.66 8.39 -5.72
CA LEU A 331 -11.67 7.36 -4.69
C LEU A 331 -12.34 7.86 -3.42
N ALA A 332 -12.02 9.10 -3.00
CA ALA A 332 -12.66 9.66 -1.82
C ALA A 332 -14.16 9.71 -1.97
N GLU A 333 -14.65 10.07 -3.16
CA GLU A 333 -16.09 10.13 -3.34
C GLU A 333 -16.70 8.74 -3.37
N GLU A 334 -16.05 7.79 -4.04
CA GLU A 334 -16.57 6.43 -4.08
C GLU A 334 -16.64 5.81 -2.69
N VAL A 335 -15.64 6.09 -1.84
CA VAL A 335 -15.68 5.56 -0.48
C VAL A 335 -16.85 6.14 0.27
N ARG A 336 -17.04 7.45 0.15
CA ARG A 336 -18.14 8.09 0.86
C ARG A 336 -19.47 7.53 0.38
N ASP A 337 -19.64 7.40 -0.93
CA ASP A 337 -20.86 6.84 -1.51
C ASP A 337 -21.11 5.43 -0.99
N ALA A 338 -20.12 4.55 -1.15
CA ALA A 338 -20.28 3.17 -0.71
C ALA A 338 -20.62 3.10 0.78
N MET A 339 -19.91 3.85 1.62
CA MET A 339 -20.21 3.81 3.05
C MET A 339 -21.65 4.19 3.36
N GLY A 340 -22.14 5.27 2.74
CA GLY A 340 -23.50 5.70 3.02
C GLY A 340 -24.54 4.71 2.53
N LEU A 341 -24.36 4.22 1.30
CA LEU A 341 -25.28 3.20 0.80
C LEU A 341 -25.27 1.97 1.69
N ALA A 342 -24.14 1.69 2.36
CA ALA A 342 -24.07 0.56 3.30
C ALA A 342 -24.54 0.93 4.69
N GLY A 343 -24.98 2.18 4.90
CA GLY A 343 -25.45 2.59 6.22
C GLY A 343 -24.37 2.88 7.24
N CYS A 344 -23.18 3.27 6.81
CA CYS A 344 -22.04 3.48 7.71
C CYS A 344 -21.71 4.96 7.79
N GLU A 345 -21.94 5.55 8.95
CA GLU A 345 -21.54 6.94 9.17
C GLU A 345 -20.04 7.08 9.36
N SER A 346 -19.32 6.00 9.70
CA SER A 346 -17.91 6.06 10.04
C SER A 346 -17.22 4.79 9.54
N VAL A 347 -15.90 4.88 9.41
CA VAL A 347 -15.14 3.70 9.01
C VAL A 347 -15.31 2.59 10.02
N GLY A 348 -15.35 2.94 11.31
CA GLY A 348 -15.62 1.95 12.34
C GLY A 348 -16.91 1.18 12.10
N ALA A 349 -17.97 1.89 11.71
CA ALA A 349 -19.22 1.21 11.38
C ALA A 349 -19.04 0.28 10.18
N ALA A 350 -18.25 0.70 9.18
CA ALA A 350 -17.98 -0.14 8.03
C ALA A 350 -17.26 -1.43 8.44
N ARG A 351 -16.35 -1.36 9.41
CA ARG A 351 -15.71 -2.57 9.89
C ARG A 351 -16.69 -3.53 10.55
N ARG A 352 -17.82 -3.06 11.07
CA ARG A 352 -18.79 -3.97 11.66
C ARG A 352 -19.79 -4.52 10.63
N LEU A 353 -19.71 -4.12 9.36
CA LEU A 353 -20.55 -4.74 8.34
C LEU A 353 -20.24 -6.23 8.19
N ASN A 354 -21.26 -7.01 7.90
CA ASN A 354 -21.04 -8.40 7.53
C ASN A 354 -20.87 -8.54 6.02
N THR A 355 -20.26 -9.65 5.63
CA THR A 355 -20.03 -9.95 4.22
C THR A 355 -20.50 -11.36 3.93
N LYS A 356 -20.67 -11.64 2.65
CA LYS A 356 -21.03 -12.98 2.18
C LYS A 356 -20.21 -13.26 0.94
N LEU A 357 -19.59 -14.43 0.88
CA LEU A 357 -18.72 -14.78 -0.24
C LEU A 357 -19.54 -15.39 -1.37
N GLY A 358 -19.34 -14.88 -2.58
CA GLY A 358 -20.00 -15.38 -3.75
C GLY A 358 -19.13 -16.35 -4.52
N VAL A 359 -19.51 -16.61 -5.77
CA VAL A 359 -18.76 -17.49 -6.64
C VAL A 359 -18.57 -16.86 -8.02
#